data_5MXF
#
_entry.id   5MXF
#
_cell.length_a   81.249
_cell.length_b   81.249
_cell.length_c   113.231
_cell.angle_alpha   90.00
_cell.angle_beta   90.00
_cell.angle_gamma   120.00
#
_symmetry.space_group_name_H-M   'P 31 2 1'
#
loop_
_entity.id
_entity.type
_entity.pdbx_description
1 polymer 'Photorhabdus asymbiotica lectin PHL'
2 non-polymer 'methyl alpha-L-fucopyranoside'
3 non-polymer 'SODIUM ION'
4 non-polymer 'CHLORIDE ION'
5 water water
#
_entity_poly.entity_id   1
_entity_poly.type   'polypeptide(L)'
_entity_poly.pdbx_seq_one_letter_code
;MQPINTSNPDNTASYVKDEVEITSSTIALSEIVSVVNTSDGRLEVFGVGTDKAVWHNRQMAPHTGSPWSGWSSLKGQVTS
KPVVYINTDGRLEVFARGTDNALWHIWQTATNAGWSNWQSLGGVITSNPAIYANTDGRLEVFARGADNALWHISQTTAHS
GPWSSWASLNGVITSNPTVHINSDGRLEVFARGTDNALWHIWQTAPDSNLWSSWESLNGIITSDPVVIDTADGRLEVFAR
GADNALWHIWQTISHSGPWSGWQSLNGVITSAPAVAKNCDNRLEAFARGTDNALWHTWQTVSHSGPWSSWQSLNGVITSA
PTAVRDADGRLEVFARGTDNALWLTWQTASSWSPWISLGGVLIDASAIK
;
_entity_poly.pdbx_strand_id   A
#
loop_
_chem_comp.id
_chem_comp.type
_chem_comp.name
_chem_comp.formula
CL non-polymer 'CHLORIDE ION' 'Cl -1'
MFU L-saccharide 'methyl alpha-L-fucopyranoside' 'C7 H14 O5'
NA non-polymer 'SODIUM ION' 'Na 1'
#
# COMPACT_ATOMS: atom_id res chain seq x y z
N MET A 1 13.33 -0.57 20.35
CA MET A 1 13.67 0.46 19.32
C MET A 1 14.14 1.75 20.00
N SER A 25 5.39 18.46 -6.19
CA SER A 25 6.64 18.25 -5.43
C SER A 25 6.49 17.74 -3.98
N THR A 26 5.27 17.75 -3.42
CA THR A 26 4.96 17.14 -2.13
C THR A 26 3.70 16.27 -2.23
N ILE A 27 3.47 15.46 -1.21
CA ILE A 27 2.28 14.64 -1.09
C ILE A 27 1.79 14.64 0.33
N ALA A 28 0.51 14.33 0.49
CA ALA A 28 -0.08 14.18 1.81
C ALA A 28 0.73 13.21 2.64
N LEU A 29 0.73 13.39 3.95
CA LEU A 29 1.50 12.54 4.88
C LEU A 29 1.23 11.04 4.64
N SER A 30 2.29 10.25 4.52
CA SER A 30 2.15 8.84 4.13
C SER A 30 1.74 7.91 5.27
N GLU A 31 1.27 6.75 4.83
CA GLU A 31 1.25 5.55 5.65
C GLU A 31 2.67 5.23 6.06
N ILE A 32 2.81 4.78 7.28
CA ILE A 32 4.12 4.59 7.94
C ILE A 32 4.55 3.11 7.99
N VAL A 33 3.57 2.21 7.92
CA VAL A 33 3.84 0.79 7.94
C VAL A 33 3.24 0.11 6.72
N SER A 34 3.80 -1.05 6.40
CA SER A 34 3.28 -1.98 5.43
C SER A 34 2.70 -3.16 6.24
N VAL A 35 1.47 -3.56 5.96
CA VAL A 35 0.78 -4.62 6.73
C VAL A 35 0.21 -5.68 5.80
N VAL A 36 0.26 -6.94 6.21
CA VAL A 36 -0.44 -8.00 5.49
C VAL A 36 -1.12 -8.98 6.42
N ASN A 37 -2.17 -9.59 5.90
CA ASN A 37 -2.80 -10.77 6.49
C ASN A 37 -2.10 -11.99 5.88
N THR A 38 -1.31 -12.71 6.68
CA THR A 38 -0.35 -13.70 6.18
C THR A 38 -1.01 -15.05 5.89
N SER A 39 -0.24 -16.00 5.37
CA SER A 39 -0.80 -17.30 4.96
C SER A 39 -1.42 -18.13 6.08
N ASP A 40 -1.01 -17.86 7.32
CA ASP A 40 -1.65 -18.50 8.48
C ASP A 40 -2.63 -17.57 9.23
N GLY A 41 -3.13 -16.53 8.57
CA GLY A 41 -4.20 -15.67 9.09
C GLY A 41 -3.80 -14.66 10.15
N ARG A 42 -2.51 -14.40 10.30
CA ARG A 42 -2.04 -13.46 11.32
C ARG A 42 -1.58 -12.20 10.63
N LEU A 43 -1.97 -11.04 11.16
CA LEU A 43 -1.45 -9.75 10.70
C LEU A 43 0.03 -9.60 11.02
N GLU A 44 0.77 -9.00 10.10
CA GLU A 44 2.17 -8.73 10.31
C GLU A 44 2.44 -7.34 9.77
N VAL A 45 3.10 -6.50 10.58
CA VAL A 45 3.35 -5.09 10.23
CA VAL A 45 3.34 -5.08 10.30
C VAL A 45 4.84 -4.82 10.13
N PHE A 46 5.21 -4.00 9.15
CA PHE A 46 6.62 -3.63 8.93
C PHE A 46 6.80 -2.12 8.93
N GLY A 47 7.78 -1.64 9.71
CA GLY A 47 8.12 -0.21 9.81
C GLY A 47 9.62 0.05 9.86
N VAL A 48 9.97 1.32 10.04
CA VAL A 48 11.36 1.75 10.08
C VAL A 48 11.58 2.53 11.37
N GLY A 49 12.72 2.26 12.02
CA GLY A 49 13.12 2.96 13.24
C GLY A 49 14.10 4.08 12.93
N THR A 50 14.51 4.81 13.97
CA THR A 50 15.34 6.02 13.78
CA THR A 50 15.34 6.01 13.80
C THR A 50 16.72 5.72 13.21
N ASP A 51 17.26 4.53 13.48
CA ASP A 51 18.54 4.14 12.90
C ASP A 51 18.40 3.43 11.54
N LYS A 52 17.22 3.53 10.93
CA LYS A 52 16.98 3.13 9.53
C LYS A 52 16.88 1.61 9.27
N ALA A 53 16.85 0.80 10.33
CA ALA A 53 16.56 -0.63 10.19
C ALA A 53 15.06 -0.85 9.99
N VAL A 54 14.72 -1.98 9.39
CA VAL A 54 13.32 -2.41 9.27
C VAL A 54 12.97 -3.28 10.48
N TRP A 55 11.83 -2.99 11.08
CA TRP A 55 11.31 -3.75 12.22
C TRP A 55 9.94 -4.33 11.85
N HIS A 56 9.61 -5.46 12.47
CA HIS A 56 8.30 -6.05 12.29
C HIS A 56 7.67 -6.54 13.58
N ASN A 57 6.36 -6.64 13.54
CA ASN A 57 5.53 -7.06 14.64
C ASN A 57 4.43 -7.95 14.09
N ARG A 58 4.09 -9.02 14.80
CA ARG A 58 3.05 -9.91 14.32
C ARG A 58 2.14 -10.43 15.41
N GLN A 59 0.91 -10.73 14.99
CA GLN A 59 -0.05 -11.38 15.88
C GLN A 59 0.40 -12.79 16.17
N MET A 60 0.20 -13.22 17.42
CA MET A 60 0.38 -14.61 17.80
C MET A 60 -0.69 -15.53 17.25
N ALA A 61 -1.91 -15.03 17.18
CA ALA A 61 -3.08 -15.84 16.85
C ALA A 61 -3.92 -15.17 15.77
N PRO A 62 -4.68 -15.96 15.03
CA PRO A 62 -5.39 -15.44 13.83
C PRO A 62 -6.75 -14.85 14.17
N HIS A 63 -6.76 -13.85 15.06
CA HIS A 63 -8.01 -13.29 15.55
C HIS A 63 -7.85 -11.84 15.94
N THR A 64 -8.95 -11.11 15.81
CA THR A 64 -9.01 -9.70 16.22
C THR A 64 -8.65 -9.64 17.70
N GLY A 65 -7.75 -8.75 18.06
CA GLY A 65 -7.34 -8.58 19.45
C GLY A 65 -6.32 -9.57 19.99
N SER A 66 -5.71 -10.36 19.09
CA SER A 66 -4.59 -11.24 19.44
C SER A 66 -3.47 -10.48 20.13
N PRO A 67 -2.76 -11.12 21.07
CA PRO A 67 -1.51 -10.51 21.51
C PRO A 67 -0.49 -10.43 20.36
N TRP A 68 0.44 -9.49 20.48
CA TRP A 68 1.45 -9.24 19.47
C TRP A 68 2.83 -9.70 19.96
N SER A 69 3.69 -10.02 19.00
CA SER A 69 5.07 -10.39 19.26
C SER A 69 5.83 -9.28 19.97
N GLY A 70 5.49 -8.04 19.60
CA GLY A 70 6.37 -6.89 19.83
C GLY A 70 7.32 -6.72 18.67
N TRP A 71 8.01 -5.58 18.66
CA TRP A 71 8.93 -5.24 17.57
C TRP A 71 10.26 -6.00 17.61
N SER A 72 10.62 -6.55 16.45
CA SER A 72 11.86 -7.31 16.22
C SER A 72 12.53 -6.67 15.03
N SER A 73 13.85 -6.52 15.07
CA SER A 73 14.58 -5.90 13.96
C SER A 73 14.98 -6.90 12.89
N LEU A 74 14.71 -6.56 11.63
CA LEU A 74 15.25 -7.27 10.46
C LEU A 74 16.54 -6.64 9.94
N LYS A 75 17.09 -5.68 10.68
CA LYS A 75 18.33 -5.01 10.27
C LYS A 75 18.08 -4.24 8.95
N GLY A 76 19.11 -4.11 8.12
CA GLY A 76 19.04 -3.28 6.94
C GLY A 76 19.26 -1.81 7.25
N GLN A 77 19.44 -1.04 6.20
CA GLN A 77 19.58 0.41 6.26
C GLN A 77 18.79 0.93 5.08
N VAL A 78 17.57 1.38 5.34
CA VAL A 78 16.65 1.74 4.26
C VAL A 78 16.37 3.23 4.19
N THR A 79 16.05 3.65 2.97
CA THR A 79 15.73 5.02 2.65
C THR A 79 14.44 5.10 1.84
N SER A 80 13.55 4.11 2.03
CA SER A 80 12.17 4.16 1.53
C SER A 80 11.30 3.53 2.58
N LYS A 81 9.99 3.65 2.39
CA LYS A 81 9.05 2.80 3.09
C LYS A 81 9.43 1.35 2.72
N PRO A 82 9.50 0.44 3.72
CA PRO A 82 9.64 -0.97 3.45
C PRO A 82 8.28 -1.56 3.06
N VAL A 83 8.22 -2.35 2.00
CA VAL A 83 6.94 -2.83 1.49
C VAL A 83 6.97 -4.34 1.43
N VAL A 84 6.08 -4.96 2.20
CA VAL A 84 5.99 -6.43 2.23
C VAL A 84 5.01 -6.95 1.18
N TYR A 85 5.33 -8.08 0.57
CA TYR A 85 4.40 -8.72 -0.34
C TYR A 85 4.47 -10.22 -0.10
N ILE A 86 3.35 -10.92 -0.28
CA ILE A 86 3.28 -12.37 -0.11
C ILE A 86 3.48 -13.05 -1.45
N ASN A 87 4.56 -13.83 -1.57
CA ASN A 87 4.76 -14.71 -2.73
C ASN A 87 3.61 -15.72 -2.86
N THR A 88 3.45 -16.27 -4.06
CA THR A 88 2.38 -17.25 -4.31
C THR A 88 2.58 -18.60 -3.59
N ASP A 89 3.77 -18.84 -3.02
CA ASP A 89 3.99 -19.96 -2.10
C ASP A 89 3.81 -19.58 -0.61
N GLY A 90 3.30 -18.39 -0.36
CA GLY A 90 3.05 -17.93 1.01
C GLY A 90 4.18 -17.24 1.75
N ARG A 91 5.39 -17.20 1.19
CA ARG A 91 6.52 -16.59 1.87
C ARG A 91 6.48 -15.08 1.73
N LEU A 92 6.65 -14.38 2.84
CA LEU A 92 6.79 -12.92 2.83
C LEU A 92 8.12 -12.50 2.23
N GLU A 93 8.09 -11.37 1.53
CA GLU A 93 9.29 -10.77 0.99
C GLU A 93 9.12 -9.25 1.15
N VAL A 94 10.15 -8.60 1.66
CA VAL A 94 10.12 -7.16 1.94
C VAL A 94 11.09 -6.48 0.99
N PHE A 95 10.63 -5.38 0.41
CA PHE A 95 11.41 -4.59 -0.54
C PHE A 95 11.57 -3.17 -0.01
N ALA A 96 12.76 -2.62 -0.23
CA ALA A 96 13.07 -1.29 0.26
C ALA A 96 14.26 -0.72 -0.48
N ARG A 97 14.29 0.60 -0.61
CA ARG A 97 15.47 1.27 -1.13
C ARG A 97 16.53 1.29 -0.05
N GLY A 98 17.77 1.08 -0.45
CA GLY A 98 18.92 1.10 0.45
C GLY A 98 19.60 2.47 0.43
N THR A 99 20.57 2.64 1.33
CA THR A 99 21.38 3.87 1.40
C THR A 99 22.12 4.16 0.11
N ASP A 100 22.46 3.12 -0.65
CA ASP A 100 23.07 3.27 -1.97
C ASP A 100 22.07 3.57 -3.12
N ASN A 101 20.80 3.81 -2.79
CA ASN A 101 19.68 3.96 -3.73
C ASN A 101 19.33 2.77 -4.64
N ALA A 102 19.91 1.60 -4.37
CA ALA A 102 19.51 0.37 -5.05
C ALA A 102 18.24 -0.17 -4.40
N LEU A 103 17.57 -1.08 -5.10
CA LEU A 103 16.47 -1.85 -4.54
C LEU A 103 17.09 -3.01 -3.80
N TRP A 104 16.71 -3.17 -2.54
CA TRP A 104 17.10 -4.31 -1.74
C TRP A 104 15.87 -5.13 -1.34
N HIS A 105 16.12 -6.39 -0.99
CA HIS A 105 15.06 -7.25 -0.46
C HIS A 105 15.58 -8.32 0.48
N ILE A 106 14.63 -8.87 1.23
CA ILE A 106 14.85 -9.91 2.21
C ILE A 106 13.57 -10.76 2.22
N TRP A 107 13.71 -12.08 2.38
CA TRP A 107 12.57 -12.97 2.25
C TRP A 107 12.61 -14.06 3.27
N GLN A 108 11.43 -14.59 3.59
CA GLN A 108 11.33 -15.78 4.42
C GLN A 108 11.87 -16.97 3.65
N THR A 109 12.63 -17.82 4.34
CA THR A 109 13.15 -19.04 3.74
C THR A 109 12.04 -20.12 3.71
N ALA A 110 11.05 -19.97 4.59
CA ALA A 110 9.80 -20.75 4.56
C ALA A 110 8.71 -19.93 5.26
N THR A 111 7.43 -20.24 5.00
CA THR A 111 6.33 -19.35 5.50
C THR A 111 6.31 -19.22 7.05
N ASN A 112 6.70 -20.29 7.74
CA ASN A 112 6.79 -20.34 9.22
C ASN A 112 8.24 -20.43 9.75
N ALA A 113 9.18 -19.79 9.04
CA ALA A 113 10.59 -19.85 9.40
C ALA A 113 11.19 -18.44 9.37
N GLY A 114 12.52 -18.39 9.31
CA GLY A 114 13.27 -17.17 9.39
C GLY A 114 13.44 -16.50 8.04
N TRP A 115 14.37 -15.56 8.03
CA TRP A 115 14.57 -14.65 6.93
C TRP A 115 15.94 -14.87 6.33
N SER A 116 16.03 -14.59 5.04
CA SER A 116 17.31 -14.48 4.35
C SER A 116 18.10 -13.29 4.89
N ASN A 117 19.31 -13.12 4.40
CA ASN A 117 19.98 -11.83 4.54
C ASN A 117 19.41 -10.84 3.52
N TRP A 118 19.61 -9.56 3.80
CA TRP A 118 19.32 -8.51 2.82
C TRP A 118 20.20 -8.71 1.58
N GLN A 119 19.60 -8.64 0.41
CA GLN A 119 20.32 -8.75 -0.86
C GLN A 119 19.90 -7.63 -1.79
N SER A 120 20.84 -7.18 -2.63
CA SER A 120 20.63 -6.07 -3.53
C SER A 120 20.17 -6.59 -4.90
N LEU A 121 19.15 -5.93 -5.42
CA LEU A 121 18.71 -6.12 -6.80
C LEU A 121 19.20 -4.94 -7.66
N GLY A 122 20.14 -4.16 -7.17
CA GLY A 122 20.77 -3.12 -7.98
C GLY A 122 19.83 -2.01 -8.38
N GLY A 123 20.13 -1.38 -9.52
CA GLY A 123 19.40 -0.21 -9.98
C GLY A 123 19.63 1.04 -9.13
N VAL A 124 19.08 2.14 -9.60
CA VAL A 124 19.00 3.37 -8.81
C VAL A 124 17.58 3.83 -8.84
N ILE A 125 16.96 3.94 -7.67
CA ILE A 125 15.53 4.26 -7.59
C ILE A 125 15.27 5.46 -6.68
N THR A 126 14.14 6.10 -6.92
CA THR A 126 13.75 7.39 -6.30
C THR A 126 12.30 7.40 -5.78
N SER A 127 11.70 6.22 -5.59
CA SER A 127 10.40 6.07 -4.93
C SER A 127 10.41 4.82 -4.05
N ASN A 128 9.36 4.67 -3.26
CA ASN A 128 9.08 3.40 -2.61
C ASN A 128 8.85 2.36 -3.73
N PRO A 129 9.21 1.10 -3.48
CA PRO A 129 8.90 0.06 -4.47
C PRO A 129 7.43 -0.34 -4.41
N ALA A 130 6.87 -0.77 -5.55
CA ALA A 130 5.49 -1.27 -5.61
C ALA A 130 5.56 -2.66 -6.22
N ILE A 131 4.86 -3.61 -5.62
CA ILE A 131 5.02 -5.02 -5.98
C ILE A 131 3.67 -5.66 -6.26
N TYR A 132 3.66 -6.57 -7.25
CA TYR A 132 2.54 -7.50 -7.46
C TYR A 132 3.06 -8.80 -8.07
N ALA A 133 2.35 -9.90 -7.80
CA ALA A 133 2.62 -11.18 -8.47
C ALA A 133 1.88 -11.23 -9.77
N ASN A 134 2.59 -11.56 -10.85
CA ASN A 134 1.95 -11.97 -12.08
C ASN A 134 1.18 -13.29 -11.89
N THR A 135 0.30 -13.61 -12.84
CA THR A 135 -0.55 -14.80 -12.77
C THR A 135 0.28 -16.08 -12.81
N ASP A 136 1.53 -15.97 -13.30
CA ASP A 136 2.48 -17.08 -13.33
C ASP A 136 3.37 -17.16 -12.10
N GLY A 137 3.05 -16.37 -11.07
CA GLY A 137 3.76 -16.47 -9.79
C GLY A 137 5.01 -15.64 -9.67
N ARG A 138 5.42 -14.97 -10.76
CA ARG A 138 6.62 -14.12 -10.73
C ARG A 138 6.27 -12.76 -10.18
N LEU A 139 6.91 -12.39 -9.07
CA LEU A 139 6.84 -11.01 -8.57
C LEU A 139 7.44 -10.05 -9.57
N GLU A 140 6.82 -8.89 -9.70
CA GLU A 140 7.34 -7.79 -10.48
C GLU A 140 7.30 -6.53 -9.63
N VAL A 141 8.40 -5.79 -9.64
CA VAL A 141 8.57 -4.62 -8.79
C VAL A 141 8.70 -3.39 -9.68
N PHE A 142 8.04 -2.31 -9.27
CA PHE A 142 8.00 -1.03 -9.98
C PHE A 142 8.54 0.05 -9.04
N ALA A 143 9.36 0.94 -9.59
CA ALA A 143 9.93 2.04 -8.81
C ALA A 143 10.35 3.15 -9.76
N ARG A 144 10.25 4.37 -9.27
CA ARG A 144 10.69 5.51 -10.04
C ARG A 144 12.20 5.48 -10.13
N GLY A 145 12.71 5.99 -11.23
CA GLY A 145 14.15 6.08 -11.46
C GLY A 145 14.67 7.49 -11.22
N ALA A 146 15.98 7.65 -11.38
CA ALA A 146 16.65 8.96 -11.30
C ALA A 146 16.13 9.93 -12.36
N ASP A 147 15.69 9.38 -13.49
CA ASP A 147 15.04 10.16 -14.56
C ASP A 147 13.55 10.46 -14.36
N ASN A 148 13.02 10.05 -13.20
CA ASN A 148 11.61 10.16 -12.86
C ASN A 148 10.60 9.37 -13.73
N ALA A 149 11.14 8.48 -14.57
CA ALA A 149 10.38 7.39 -15.22
C ALA A 149 10.08 6.24 -14.29
N LEU A 150 9.14 5.38 -14.71
CA LEU A 150 8.80 4.18 -13.99
C LEU A 150 9.63 3.03 -14.53
N TRP A 151 10.43 2.40 -13.67
CA TRP A 151 11.25 1.25 -14.04
C TRP A 151 10.68 0.00 -13.37
N HIS A 152 11.05 -1.17 -13.88
CA HIS A 152 10.57 -2.43 -13.33
C HIS A 152 11.58 -3.55 -13.52
N ILE A 153 11.40 -4.57 -12.67
CA ILE A 153 12.28 -5.73 -12.62
C ILE A 153 11.40 -6.88 -12.10
N SER A 154 11.69 -8.11 -12.51
CA SER A 154 10.85 -9.26 -12.11
C SER A 154 11.65 -10.51 -11.81
N GLN A 155 11.05 -11.37 -11.00
CA GLN A 155 11.55 -12.72 -10.83
C GLN A 155 11.51 -13.42 -12.18
N THR A 156 12.50 -14.23 -12.45
CA THR A 156 12.55 -15.00 -13.69
C THR A 156 11.79 -16.33 -13.63
N THR A 157 11.44 -16.77 -12.43
CA THR A 157 10.71 -18.02 -12.23
C THR A 157 9.76 -17.77 -11.04
N ALA A 158 8.73 -18.59 -10.87
CA ALA A 158 7.72 -18.33 -9.86
C ALA A 158 8.32 -18.28 -8.45
N HIS A 159 7.98 -17.23 -7.69
CA HIS A 159 8.36 -17.08 -6.29
C HIS A 159 9.83 -17.37 -6.00
N SER A 160 10.71 -16.88 -6.85
CA SER A 160 12.13 -17.13 -6.67
C SER A 160 12.96 -16.24 -7.56
N GLY A 161 14.18 -15.99 -7.11
CA GLY A 161 15.22 -15.43 -7.93
C GLY A 161 15.74 -16.54 -8.84
N PRO A 162 16.60 -16.21 -9.81
CA PRO A 162 17.15 -14.87 -9.98
C PRO A 162 16.19 -13.94 -10.70
N TRP A 163 16.54 -12.66 -10.71
CA TRP A 163 15.68 -11.64 -11.23
C TRP A 163 16.16 -11.20 -12.60
N SER A 164 15.26 -10.58 -13.36
CA SER A 164 15.53 -10.07 -14.70
C SER A 164 16.42 -8.86 -14.59
N SER A 165 16.82 -8.30 -15.73
CA SER A 165 17.46 -6.99 -15.72
CA SER A 165 17.46 -6.99 -15.75
C SER A 165 16.38 -5.94 -15.53
N TRP A 166 16.79 -4.77 -15.06
CA TRP A 166 15.94 -3.60 -14.98
C TRP A 166 15.64 -3.08 -16.37
N ALA A 167 14.47 -2.47 -16.54
CA ALA A 167 14.10 -1.76 -17.77
C ALA A 167 13.07 -0.69 -17.43
N SER A 168 12.80 0.21 -18.38
CA SER A 168 11.90 1.35 -18.16
C SER A 168 10.58 1.22 -18.89
N LEU A 169 9.52 1.68 -18.22
CA LEU A 169 8.20 1.89 -18.82
C LEU A 169 7.93 3.38 -19.04
N ASN A 170 9.00 4.18 -18.97
CA ASN A 170 8.91 5.60 -19.31
C ASN A 170 7.95 6.37 -18.41
N GLY A 171 7.35 7.43 -18.94
CA GLY A 171 6.58 8.36 -18.15
C GLY A 171 7.45 9.29 -17.31
N VAL A 172 6.78 10.24 -16.67
CA VAL A 172 7.40 11.15 -15.72
C VAL A 172 6.47 11.25 -14.53
N ILE A 173 6.89 10.75 -13.39
CA ILE A 173 5.97 10.67 -12.25
C ILE A 173 6.45 11.42 -11.02
N THR A 174 5.49 11.85 -10.22
CA THR A 174 5.70 12.78 -9.11
C THR A 174 5.11 12.26 -7.81
N SER A 175 4.77 10.98 -7.78
CA SER A 175 4.25 10.35 -6.57
C SER A 175 4.86 8.95 -6.51
N ASN A 176 4.72 8.29 -5.37
CA ASN A 176 5.02 6.87 -5.35
C ASN A 176 4.01 6.15 -6.27
N PRO A 177 4.49 5.17 -7.05
CA PRO A 177 3.58 4.39 -7.88
C PRO A 177 2.86 3.31 -7.08
N THR A 178 1.70 2.90 -7.56
CA THR A 178 1.01 1.75 -7.03
C THR A 178 0.56 0.84 -8.18
N VAL A 179 0.71 -0.45 -7.95
CA VAL A 179 0.39 -1.52 -8.90
C VAL A 179 -0.74 -2.41 -8.37
N HIS A 180 -1.63 -2.83 -9.27
CA HIS A 180 -2.63 -3.83 -8.94
C HIS A 180 -2.74 -4.77 -10.11
N ILE A 181 -3.51 -5.84 -9.93
CA ILE A 181 -3.82 -6.75 -11.02
C ILE A 181 -5.29 -6.58 -11.41
N ASN A 182 -5.55 -6.54 -12.70
CA ASN A 182 -6.90 -6.61 -13.22
C ASN A 182 -7.50 -8.00 -13.00
N SER A 183 -8.81 -8.08 -13.12
CA SER A 183 -9.53 -9.35 -12.95
C SER A 183 -9.29 -10.38 -14.10
N ASP A 184 -8.61 -9.94 -15.15
CA ASP A 184 -8.15 -10.78 -16.25
C ASP A 184 -6.63 -11.05 -16.20
N GLY A 185 -6.00 -10.66 -15.10
CA GLY A 185 -4.62 -10.98 -14.82
C GLY A 185 -3.58 -10.00 -15.32
N ARG A 186 -4.01 -8.88 -15.90
CA ARG A 186 -3.05 -7.87 -16.40
C ARG A 186 -2.71 -6.86 -15.31
N LEU A 187 -1.40 -6.70 -15.05
CA LEU A 187 -0.94 -5.69 -14.10
C LEU A 187 -1.24 -4.30 -14.62
N GLU A 188 -1.45 -3.36 -13.71
CA GLU A 188 -1.71 -1.98 -14.07
C GLU A 188 -1.13 -1.10 -12.98
N VAL A 189 -0.42 -0.04 -13.39
CA VAL A 189 0.32 0.82 -12.48
C VAL A 189 -0.22 2.25 -12.59
N PHE A 190 -0.33 2.89 -11.43
CA PHE A 190 -0.91 4.24 -11.28
C PHE A 190 0.10 5.14 -10.58
N ALA A 191 0.15 6.40 -11.00
CA ALA A 191 1.09 7.35 -10.42
C ALA A 191 0.67 8.77 -10.83
N ARG A 192 1.02 9.73 -10.00
CA ARG A 192 0.76 11.14 -10.33
C ARG A 192 1.78 11.59 -11.38
N GLY A 193 1.34 12.46 -12.28
CA GLY A 193 2.22 13.03 -13.30
C GLY A 193 2.67 14.45 -12.98
N THR A 194 3.39 15.05 -13.93
CA THR A 194 3.96 16.41 -13.75
C THR A 194 2.90 17.50 -13.72
N ASP A 195 1.78 17.24 -14.39
CA ASP A 195 0.59 18.11 -14.36
C ASP A 195 -0.34 17.84 -13.14
N ASN A 196 0.13 17.01 -12.21
CA ASN A 196 -0.61 16.53 -11.03
C ASN A 196 -1.87 15.71 -11.30
N ALA A 197 -2.04 15.26 -12.54
CA ALA A 197 -3.11 14.33 -12.90
C ALA A 197 -2.71 12.90 -12.49
N LEU A 198 -3.71 12.04 -12.43
CA LEU A 198 -3.48 10.62 -12.23
C LEU A 198 -3.25 10.00 -13.60
N TRP A 199 -2.12 9.31 -13.75
CA TRP A 199 -1.79 8.56 -14.96
C TRP A 199 -1.71 7.08 -14.67
N HIS A 200 -1.88 6.28 -15.71
CA HIS A 200 -1.76 4.82 -15.61
C HIS A 200 -1.27 4.17 -16.90
N ILE A 201 -0.82 2.94 -16.74
CA ILE A 201 -0.23 2.13 -17.79
C ILE A 201 -0.50 0.67 -17.42
N TRP A 202 -0.71 -0.19 -18.42
CA TRP A 202 -1.09 -1.59 -18.15
C TRP A 202 -0.42 -2.61 -19.06
N GLN A 203 -0.25 -3.82 -18.55
CA GLN A 203 0.12 -4.96 -19.37
C GLN A 203 -0.98 -5.20 -20.39
N THR A 204 -0.59 -5.55 -21.61
CA THR A 204 -1.57 -5.93 -22.63
C THR A 204 -1.86 -7.43 -22.62
N ALA A 205 -1.11 -8.19 -21.82
CA ALA A 205 -1.35 -9.61 -21.65
C ALA A 205 -0.78 -10.02 -20.28
N PRO A 206 -1.40 -10.98 -19.59
CA PRO A 206 -0.81 -11.42 -18.31
C PRO A 206 0.61 -11.93 -18.49
N ASP A 207 1.44 -11.73 -17.47
CA ASP A 207 2.78 -12.26 -17.40
C ASP A 207 3.76 -11.68 -18.43
N SER A 208 3.37 -10.66 -19.17
CA SER A 208 4.14 -10.26 -20.33
C SER A 208 5.01 -9.05 -20.04
N ASN A 209 5.89 -8.75 -21.00
CA ASN A 209 6.60 -7.48 -21.04
C ASN A 209 6.04 -6.55 -22.14
N LEU A 210 4.76 -6.71 -22.46
CA LEU A 210 4.08 -5.88 -23.44
C LEU A 210 3.15 -4.96 -22.66
N TRP A 211 3.39 -3.66 -22.76
CA TRP A 211 2.64 -2.68 -22.00
C TRP A 211 2.01 -1.68 -22.93
N SER A 212 0.93 -1.07 -22.48
CA SER A 212 0.30 0.04 -23.17
C SER A 212 1.18 1.27 -23.09
N SER A 213 0.72 2.35 -23.74
CA SER A 213 1.23 3.68 -23.47
C SER A 213 0.67 4.19 -22.15
N TRP A 214 1.34 5.17 -21.56
CA TRP A 214 0.79 5.91 -20.44
C TRP A 214 -0.43 6.69 -20.90
N GLU A 215 -1.47 6.74 -20.08
CA GLU A 215 -2.67 7.53 -20.38
C GLU A 215 -3.09 8.29 -19.16
N SER A 216 -3.66 9.48 -19.37
CA SER A 216 -4.09 10.30 -18.28
C SER A 216 -5.52 9.98 -17.91
N LEU A 217 -5.76 9.89 -16.61
CA LEU A 217 -7.11 9.89 -16.05
C LEU A 217 -7.48 11.25 -15.47
N ASN A 218 -6.71 12.28 -15.80
CA ASN A 218 -7.01 13.65 -15.40
C ASN A 218 -7.05 13.82 -13.88
N GLY A 219 -7.82 14.80 -13.40
CA GLY A 219 -7.88 15.14 -11.98
C GLY A 219 -6.67 15.92 -11.54
N ILE A 220 -6.70 16.36 -10.29
CA ILE A 220 -5.58 17.04 -9.64
C ILE A 220 -5.46 16.36 -8.27
N ILE A 221 -4.38 15.63 -8.05
CA ILE A 221 -4.23 14.88 -6.79
C ILE A 221 -3.03 15.34 -5.97
N THR A 222 -3.24 15.31 -4.65
CA THR A 222 -2.30 15.85 -3.67
C THR A 222 -1.87 14.78 -2.66
N SER A 223 -2.06 13.52 -3.01
CA SER A 223 -1.50 12.38 -2.28
C SER A 223 -1.08 11.31 -3.28
N ASP A 224 -0.29 10.36 -2.80
CA ASP A 224 -0.13 9.10 -3.49
C ASP A 224 -1.53 8.52 -3.77
N PRO A 225 -1.71 7.87 -4.93
CA PRO A 225 -2.93 7.14 -5.19
C PRO A 225 -2.97 5.79 -4.46
N VAL A 226 -4.18 5.37 -4.09
CA VAL A 226 -4.43 4.05 -3.53
C VAL A 226 -5.29 3.28 -4.52
N VAL A 227 -4.96 2.02 -4.82
CA VAL A 227 -5.78 1.24 -5.77
C VAL A 227 -6.29 -0.04 -5.11
N ILE A 228 -7.51 -0.44 -5.44
CA ILE A 228 -8.09 -1.69 -4.92
C ILE A 228 -8.99 -2.31 -5.96
N ASP A 229 -9.16 -3.63 -5.90
CA ASP A 229 -10.12 -4.32 -6.77
C ASP A 229 -11.46 -4.44 -6.02
N THR A 230 -12.55 -4.09 -6.71
CA THR A 230 -13.90 -4.28 -6.17
C THR A 230 -14.32 -5.74 -6.27
N ALA A 231 -15.36 -6.10 -5.52
CA ALA A 231 -15.98 -7.43 -5.63
C ALA A 231 -16.32 -7.83 -7.06
N ASP A 232 -16.69 -6.88 -7.89
CA ASP A 232 -17.02 -7.19 -9.28
C ASP A 232 -15.89 -6.99 -10.29
N GLY A 233 -14.66 -7.04 -9.83
CA GLY A 233 -13.50 -7.10 -10.71
C GLY A 233 -13.11 -5.82 -11.41
N ARG A 234 -13.39 -4.68 -10.79
CA ARG A 234 -13.03 -3.37 -11.36
C ARG A 234 -11.96 -2.74 -10.46
N LEU A 235 -10.99 -2.05 -11.06
CA LEU A 235 -10.02 -1.28 -10.30
C LEU A 235 -10.66 0.06 -9.94
N GLU A 236 -10.49 0.47 -8.70
CA GLU A 236 -10.96 1.76 -8.21
C GLU A 236 -9.80 2.43 -7.50
N VAL A 237 -9.59 3.72 -7.79
CA VAL A 237 -8.44 4.45 -7.30
C VAL A 237 -8.92 5.61 -6.43
N PHE A 238 -8.27 5.79 -5.29
CA PHE A 238 -8.54 6.87 -4.34
C PHE A 238 -7.34 7.81 -4.21
N ALA A 239 -7.61 9.09 -4.05
CA ALA A 239 -6.53 10.04 -3.77
C ALA A 239 -7.11 11.34 -3.21
N ARG A 240 -6.30 12.05 -2.45
CA ARG A 240 -6.69 13.37 -1.97
C ARG A 240 -6.68 14.30 -3.15
N GLY A 241 -7.67 15.19 -3.23
CA GLY A 241 -7.74 16.16 -4.29
C GLY A 241 -7.12 17.52 -3.94
N ALA A 242 -7.15 18.43 -4.92
CA ALA A 242 -6.68 19.82 -4.73
C ALA A 242 -7.44 20.56 -3.63
N ASP A 243 -8.71 20.21 -3.42
CA ASP A 243 -9.52 20.77 -2.32
C ASP A 243 -9.36 20.04 -0.96
N ASN A 244 -8.42 19.10 -0.88
CA ASN A 244 -8.25 18.22 0.29
C ASN A 244 -9.44 17.34 0.66
N ALA A 245 -10.40 17.19 -0.25
CA ALA A 245 -11.39 16.13 -0.11
C ALA A 245 -10.76 14.82 -0.57
N LEU A 246 -11.40 13.70 -0.23
CA LEU A 246 -11.07 12.40 -0.81
C LEU A 246 -11.85 12.22 -2.09
N TRP A 247 -11.16 11.90 -3.19
CA TRP A 247 -11.79 11.63 -4.48
C TRP A 247 -11.49 10.19 -4.91
N HIS A 248 -12.33 9.69 -5.81
CA HIS A 248 -12.14 8.35 -6.39
C HIS A 248 -12.67 8.29 -7.80
N ILE A 249 -12.19 7.28 -8.52
CA ILE A 249 -12.45 7.05 -9.93
C ILE A 249 -12.27 5.52 -10.16
N TRP A 250 -13.05 4.96 -11.08
CA TRP A 250 -13.04 3.50 -11.29
C TRP A 250 -13.25 3.11 -12.73
N GLN A 251 -12.75 1.92 -13.08
CA GLN A 251 -13.10 1.22 -14.32
C GLN A 251 -14.62 1.00 -14.34
N THR A 252 -15.25 1.25 -15.48
CA THR A 252 -16.72 1.08 -15.57
C THR A 252 -17.16 -0.31 -15.97
N ILE A 253 -16.24 -1.06 -16.57
CA ILE A 253 -16.48 -2.41 -17.04
C ILE A 253 -15.39 -3.20 -16.35
N SER A 254 -15.64 -4.47 -16.01
CA SER A 254 -14.58 -5.29 -15.38
C SER A 254 -13.32 -5.37 -16.27
N HIS A 255 -12.17 -5.16 -15.62
CA HIS A 255 -10.83 -5.07 -16.26
C HIS A 255 -10.74 -4.24 -17.53
N SER A 256 -11.48 -3.13 -17.58
CA SER A 256 -11.52 -2.31 -18.79
C SER A 256 -11.95 -0.87 -18.56
N GLY A 257 -11.42 0.03 -19.39
CA GLY A 257 -12.04 1.33 -19.63
C GLY A 257 -13.39 1.21 -20.34
N PRO A 258 -14.10 2.32 -20.55
CA PRO A 258 -13.70 3.65 -20.06
C PRO A 258 -13.82 3.78 -18.54
N TRP A 259 -13.12 4.74 -17.97
CA TRP A 259 -13.22 5.02 -16.55
C TRP A 259 -14.40 5.97 -16.27
N SER A 260 -14.85 5.97 -15.02
CA SER A 260 -15.87 6.90 -14.57
C SER A 260 -15.27 8.32 -14.56
N GLY A 261 -16.09 9.32 -14.34
CA GLY A 261 -15.49 10.62 -13.99
C GLY A 261 -14.87 10.52 -12.59
N TRP A 262 -13.97 11.44 -12.25
CA TRP A 262 -13.61 11.63 -10.84
C TRP A 262 -14.87 12.04 -10.06
N GLN A 263 -15.07 11.43 -8.90
CA GLN A 263 -16.20 11.74 -8.02
C GLN A 263 -15.66 11.99 -6.63
N SER A 264 -16.22 13.00 -5.95
CA SER A 264 -15.78 13.35 -4.60
C SER A 264 -16.49 12.53 -3.52
N LEU A 265 -15.71 12.08 -2.53
CA LEU A 265 -16.26 11.54 -1.28
C LEU A 265 -16.22 12.55 -0.14
N ASN A 266 -15.92 13.80 -0.46
CA ASN A 266 -15.95 14.92 0.50
C ASN A 266 -14.89 14.70 1.59
N GLY A 267 -15.14 15.23 2.79
CA GLY A 267 -14.17 15.22 3.89
C GLY A 267 -13.09 16.29 3.71
N VAL A 268 -12.31 16.49 4.76
CA VAL A 268 -11.13 17.35 4.70
C VAL A 268 -10.03 16.57 5.37
N ILE A 269 -9.07 16.10 4.58
CA ILE A 269 -8.09 15.14 5.07
C ILE A 269 -6.69 15.70 5.02
N THR A 270 -5.93 15.36 6.06
CA THR A 270 -4.60 15.87 6.31
C THR A 270 -3.54 14.76 6.22
N SER A 271 -3.90 13.63 5.59
CA SER A 271 -2.96 12.57 5.29
C SER A 271 -3.41 11.89 4.02
N ALA A 272 -2.57 11.00 3.51
CA ALA A 272 -3.00 10.07 2.48
C ALA A 272 -4.15 9.22 3.00
N PRO A 273 -5.07 8.78 2.11
CA PRO A 273 -6.13 7.87 2.50
C PRO A 273 -5.64 6.42 2.49
N ALA A 274 -6.31 5.55 3.23
CA ALA A 274 -6.11 4.11 3.16
C ALA A 274 -7.46 3.49 2.92
N VAL A 275 -7.50 2.38 2.18
CA VAL A 275 -8.76 1.74 1.84
C VAL A 275 -8.64 0.26 2.00
N ALA A 276 -9.71 -0.36 2.47
CA ALA A 276 -9.82 -1.80 2.59
C ALA A 276 -11.26 -2.22 2.36
N LYS A 277 -11.46 -3.52 2.12
CA LYS A 277 -12.78 -4.11 1.97
C LYS A 277 -13.18 -4.80 3.24
N ASN A 278 -14.42 -4.53 3.64
CA ASN A 278 -15.09 -5.28 4.69
C ASN A 278 -15.33 -6.72 4.25
N CYS A 279 -15.74 -7.50 5.24
CA CYS A 279 -16.25 -8.85 5.11
C CYS A 279 -17.10 -9.10 3.86
N ASP A 280 -18.10 -8.25 3.70
CA ASP A 280 -19.08 -8.33 2.64
C ASP A 280 -18.67 -7.53 1.39
N ASN A 281 -17.39 -7.18 1.29
CA ASN A 281 -16.81 -6.44 0.16
C ASN A 281 -17.13 -4.95 0.10
N ARG A 282 -17.89 -4.42 1.06
CA ARG A 282 -18.10 -2.96 1.17
C ARG A 282 -16.76 -2.25 1.42
N LEU A 283 -16.43 -1.33 0.53
CA LEU A 283 -15.22 -0.54 0.68
C LEU A 283 -15.30 0.47 1.82
N GLU A 284 -14.17 0.74 2.45
CA GLU A 284 -14.10 1.66 3.58
C GLU A 284 -12.80 2.41 3.47
N ALA A 285 -12.89 3.73 3.52
CA ALA A 285 -11.76 4.63 3.41
C ALA A 285 -11.44 5.29 4.74
N PHE A 286 -10.15 5.49 5.01
CA PHE A 286 -9.63 6.04 6.26
C PHE A 286 -8.65 7.15 5.98
N ALA A 287 -8.64 8.18 6.80
CA ALA A 287 -7.67 9.27 6.64
C ALA A 287 -7.61 10.13 7.89
N ARG A 288 -6.49 10.79 8.11
CA ARG A 288 -6.39 11.74 9.22
C ARG A 288 -7.23 12.97 8.86
N GLY A 289 -7.90 13.55 9.88
CA GLY A 289 -8.74 14.73 9.69
C GLY A 289 -8.05 16.01 10.15
N THR A 290 -8.76 17.12 10.04
CA THR A 290 -8.20 18.43 10.45
C THR A 290 -7.91 18.50 11.96
N ASP A 291 -8.70 17.80 12.76
CA ASP A 291 -8.44 17.65 14.21
C ASP A 291 -7.35 16.61 14.58
N ASN A 292 -6.66 16.04 13.58
CA ASN A 292 -5.66 14.96 13.76
C ASN A 292 -6.19 13.63 14.32
N ALA A 293 -7.51 13.45 14.29
CA ALA A 293 -8.13 12.18 14.62
C ALA A 293 -8.19 11.31 13.36
N LEU A 294 -8.42 10.02 13.56
CA LEU A 294 -8.72 9.13 12.45
C LEU A 294 -10.17 9.31 12.06
N TRP A 295 -10.45 9.54 10.79
CA TRP A 295 -11.81 9.55 10.27
C TRP A 295 -12.00 8.45 9.22
N HIS A 296 -13.26 8.04 9.01
CA HIS A 296 -13.59 7.06 7.98
C HIS A 296 -14.95 7.29 7.33
N THR A 297 -15.10 6.72 6.14
CA THR A 297 -16.34 6.71 5.36
C THR A 297 -16.40 5.35 4.67
N TRP A 298 -17.60 4.79 4.57
CA TRP A 298 -17.80 3.41 4.06
C TRP A 298 -19.00 3.33 3.13
N GLN A 299 -18.98 2.34 2.24
CA GLN A 299 -20.17 1.98 1.48
C GLN A 299 -21.19 1.40 2.43
N THR A 300 -22.47 1.74 2.21
CA THR A 300 -23.57 1.21 3.00
C THR A 300 -24.31 0.20 2.17
N VAL A 301 -24.92 -0.77 2.87
CA VAL A 301 -25.85 -1.75 2.31
C VAL A 301 -25.14 -2.90 1.60
N SER A 302 -24.32 -2.58 0.61
CA SER A 302 -23.58 -3.55 -0.17
C SER A 302 -22.41 -2.88 -0.87
N HIS A 303 -21.61 -3.70 -1.54
CA HIS A 303 -20.47 -3.19 -2.28
C HIS A 303 -20.86 -2.30 -3.50
N SER A 304 -22.15 -2.21 -3.85
CA SER A 304 -22.60 -1.23 -4.85
CA SER A 304 -22.65 -1.25 -4.85
C SER A 304 -23.34 -0.04 -4.22
N GLY A 305 -23.34 0.04 -2.89
CA GLY A 305 -24.14 1.03 -2.17
C GLY A 305 -23.51 2.39 -2.02
N PRO A 306 -24.31 3.38 -1.57
CA PRO A 306 -23.79 4.73 -1.42
C PRO A 306 -22.88 4.88 -0.19
N TRP A 307 -21.96 5.83 -0.25
CA TRP A 307 -21.03 6.05 0.84
C TRP A 307 -21.66 6.85 1.97
N SER A 308 -21.26 6.52 3.20
CA SER A 308 -21.65 7.19 4.42
C SER A 308 -21.06 8.60 4.53
N SER A 309 -21.54 9.38 5.50
CA SER A 309 -20.82 10.59 5.90
C SER A 309 -19.52 10.20 6.63
N TRP A 310 -18.57 11.11 6.66
CA TRP A 310 -17.32 10.90 7.39
C TRP A 310 -17.60 10.93 8.90
N GLN A 311 -17.02 9.98 9.63
CA GLN A 311 -17.24 9.85 11.10
C GLN A 311 -15.92 9.59 11.77
N SER A 312 -15.81 9.97 13.05
CA SER A 312 -14.53 9.95 13.72
C SER A 312 -14.28 8.67 14.49
N LEU A 313 -13.04 8.20 14.45
CA LEU A 313 -12.59 7.09 15.29
C LEU A 313 -11.60 7.58 16.34
N ASN A 314 -11.58 8.90 16.57
CA ASN A 314 -10.75 9.51 17.61
C ASN A 314 -9.26 9.29 17.38
N GLY A 315 -8.47 9.35 18.45
CA GLY A 315 -7.03 9.20 18.37
C GLY A 315 -6.40 10.54 18.04
N VAL A 316 -5.10 10.63 18.23
CA VAL A 316 -4.31 11.74 17.75
C VAL A 316 -3.13 11.12 17.01
N ILE A 317 -3.14 11.25 15.68
CA ILE A 317 -2.22 10.48 14.85
C ILE A 317 -1.27 11.39 14.08
N THR A 318 -0.06 10.86 13.85
CA THR A 318 1.07 11.57 13.23
C THR A 318 1.54 10.86 11.95
N SER A 319 0.63 10.10 11.34
CA SER A 319 0.83 9.46 10.05
C SER A 319 -0.53 9.23 9.42
N ALA A 320 -0.53 8.82 8.17
CA ALA A 320 -1.74 8.28 7.59
C ALA A 320 -2.06 6.94 8.29
N PRO A 321 -3.33 6.56 8.31
CA PRO A 321 -3.70 5.24 8.81
C PRO A 321 -3.38 4.13 7.80
N THR A 322 -3.23 2.91 8.30
CA THR A 322 -3.04 1.71 7.45
C THR A 322 -4.13 0.72 7.87
N ALA A 323 -4.92 0.25 6.89
CA ALA A 323 -6.09 -0.57 7.13
C ALA A 323 -5.93 -1.96 6.52
N VAL A 324 -6.44 -2.98 7.18
CA VAL A 324 -6.36 -4.36 6.71
C VAL A 324 -7.50 -5.14 7.33
N ARG A 325 -8.00 -6.14 6.59
CA ARG A 325 -9.00 -7.05 7.11
C ARG A 325 -8.31 -8.26 7.73
N ASP A 326 -8.69 -8.57 8.96
CA ASP A 326 -8.05 -9.66 9.71
C ASP A 326 -8.74 -10.97 9.41
N ALA A 327 -8.29 -12.04 10.07
CA ALA A 327 -8.80 -13.40 9.81
C ALA A 327 -10.17 -13.68 10.41
N ASP A 328 -10.67 -12.76 11.23
CA ASP A 328 -12.07 -12.76 11.66
C ASP A 328 -12.96 -11.86 10.76
N GLY A 329 -12.43 -11.39 9.64
CA GLY A 329 -13.16 -10.53 8.73
C GLY A 329 -13.47 -9.16 9.32
N ARG A 330 -12.66 -8.70 10.27
CA ARG A 330 -12.78 -7.34 10.82
C ARG A 330 -11.64 -6.48 10.33
N LEU A 331 -11.93 -5.21 10.06
CA LEU A 331 -10.90 -4.22 9.77
C LEU A 331 -10.14 -3.80 11.03
N GLU A 332 -8.84 -3.67 10.88
CA GLU A 332 -7.93 -3.20 11.89
C GLU A 332 -7.16 -2.06 11.27
N VAL A 333 -7.00 -0.98 12.04
CA VAL A 333 -6.33 0.22 11.56
C VAL A 333 -5.20 0.63 12.49
N PHE A 334 -4.04 0.86 11.88
CA PHE A 334 -2.80 1.18 12.55
C PHE A 334 -2.44 2.62 12.17
N ALA A 335 -1.85 3.35 13.11
CA ALA A 335 -1.40 4.71 12.84
C ALA A 335 -0.40 5.14 13.88
N ARG A 336 0.52 6.03 13.49
CA ARG A 336 1.50 6.50 14.44
C ARG A 336 0.84 7.47 15.42
N GLY A 337 1.28 7.43 16.67
CA GLY A 337 0.76 8.33 17.73
C GLY A 337 1.71 9.49 17.97
N THR A 338 1.34 10.36 18.89
CA THR A 338 2.15 11.53 19.24
C THR A 338 3.49 11.14 19.89
N ASP A 339 3.50 9.99 20.58
CA ASP A 339 4.73 9.40 21.13
C ASP A 339 5.60 8.61 20.12
N ASN A 340 5.23 8.65 18.83
CA ASN A 340 5.85 7.84 17.77
C ASN A 340 5.72 6.32 17.85
N ALA A 341 4.90 5.83 18.77
CA ALA A 341 4.53 4.43 18.79
C ALA A 341 3.47 4.15 17.75
N LEU A 342 3.33 2.88 17.40
CA LEU A 342 2.24 2.45 16.56
C LEU A 342 1.06 2.10 17.44
N TRP A 343 -0.08 2.73 17.15
CA TRP A 343 -1.34 2.47 17.82
C TRP A 343 -2.31 1.76 16.90
N LEU A 344 -3.32 1.15 17.53
CA LEU A 344 -4.21 0.22 16.86
C LEU A 344 -5.65 0.27 17.40
N THR A 345 -6.60 0.38 16.48
CA THR A 345 -8.04 0.24 16.76
C THR A 345 -8.67 -0.72 15.72
N TRP A 346 -9.71 -1.44 16.13
CA TRP A 346 -10.42 -2.40 15.26
C TRP A 346 -11.92 -2.42 15.42
N GLN A 347 -12.61 -2.96 14.42
CA GLN A 347 -14.06 -3.08 14.43
C GLN A 347 -14.54 -4.06 15.53
N THR A 348 -15.64 -3.70 16.19
CA THR A 348 -16.33 -4.57 17.14
C THR A 348 -17.76 -4.70 16.61
N ALA A 349 -18.55 -5.57 17.23
CA ALA A 349 -19.95 -5.73 16.81
C ALA A 349 -20.65 -4.37 16.80
N SER A 350 -20.57 -3.68 17.93
CA SER A 350 -21.23 -2.39 18.12
C SER A 350 -20.57 -1.22 17.38
N SER A 351 -19.23 -1.17 17.40
CA SER A 351 -18.52 0.08 17.21
C SER A 351 -17.06 -0.18 16.76
N TRP A 352 -16.11 0.57 17.32
CA TRP A 352 -14.69 0.26 17.22
C TRP A 352 -14.08 0.23 18.61
N SER A 353 -12.98 -0.48 18.74
CA SER A 353 -12.29 -0.61 20.00
C SER A 353 -11.54 0.69 20.35
N PRO A 354 -11.19 0.88 21.64
CA PRO A 354 -10.35 2.03 21.97
C PRO A 354 -8.94 1.80 21.43
N TRP A 355 -8.24 2.88 21.12
CA TRP A 355 -6.86 2.77 20.64
C TRP A 355 -6.00 2.10 21.70
N ILE A 356 -5.20 1.13 21.27
CA ILE A 356 -4.15 0.57 22.12
C ILE A 356 -2.80 0.76 21.47
N SER A 357 -1.75 0.76 22.29
CA SER A 357 -0.38 0.98 21.81
C SER A 357 0.32 -0.33 21.62
N LEU A 358 0.94 -0.48 20.44
CA LEU A 358 1.90 -1.55 20.17
C LEU A 358 3.34 -1.13 20.42
N GLY A 359 3.56 0.07 20.96
CA GLY A 359 4.90 0.54 21.21
C GLY A 359 5.69 0.80 19.94
N GLY A 360 7.01 0.71 20.07
CA GLY A 360 7.95 1.09 19.04
C GLY A 360 8.18 2.58 18.92
N VAL A 361 9.18 2.92 18.11
CA VAL A 361 9.45 4.30 17.73
C VAL A 361 9.70 4.31 16.21
N LEU A 362 8.68 4.76 15.48
CA LEU A 362 8.66 4.68 14.02
C LEU A 362 8.86 6.03 13.36
N ILE A 363 9.55 6.01 12.22
CA ILE A 363 9.75 7.18 11.39
C ILE A 363 9.05 7.00 10.05
N ASP A 364 8.79 8.12 9.38
CA ASP A 364 8.32 8.11 8.00
C ASP A 364 9.57 8.11 7.11
N ALA A 365 9.85 6.94 6.52
CA ALA A 365 11.01 6.77 5.67
C ALA A 365 10.70 6.88 4.19
N SER A 366 9.49 7.32 3.84
CA SER A 366 9.06 7.42 2.44
C SER A 366 10.08 8.10 1.55
N ALA A 367 10.36 7.50 0.39
CA ALA A 367 11.34 8.06 -0.54
C ALA A 367 10.84 9.33 -1.23
N ILE A 368 9.53 9.55 -1.21
CA ILE A 368 8.87 10.74 -1.73
C ILE A 368 7.99 11.26 -0.62
N LYS A 369 8.14 12.54 -0.28
CA LYS A 369 7.31 13.22 0.71
C LYS A 369 6.79 14.54 0.18
C1 MFU B . -4.45 9.21 21.66
C2 MFU B . -3.19 9.85 22.27
C3 MFU B . -1.95 8.96 22.11
C4 MFU B . -1.77 8.48 20.66
C5 MFU B . -3.09 7.83 20.21
C6 MFU B . -3.07 7.32 18.77
O1 MFU B . -4.94 8.11 22.46
O2 MFU B . -3.41 10.14 23.66
O3 MFU B . -0.78 9.68 22.49
O4 MFU B . -1.34 9.58 19.84
O5 MFU B . -4.16 8.78 20.33
CM MFU B . -6.31 7.78 22.16
C1 MFU C . 4.67 11.78 -19.37
C2 MFU C . 4.51 13.29 -19.15
C3 MFU C . 3.17 13.61 -18.50
C4 MFU C . 2.97 12.77 -17.22
C5 MFU C . 3.14 11.28 -17.57
C6 MFU C . 2.94 10.33 -16.39
O1 MFU C . 3.76 11.32 -20.39
O2 MFU C . 4.69 13.95 -20.43
O3 MFU C . 3.05 14.99 -18.11
O4 MFU C . 3.90 13.24 -16.21
O5 MFU C . 4.43 11.06 -18.15
CM MFU C . 4.07 10.02 -20.87
NA NA D . -0.50 -2.11 -4.89
NA NA E . 1.17 3.55 -0.50
NA NA F . 2.28 -15.43 9.86
NA NA G . -4.42 -14.75 5.01
CL CL H . -2.49 0.96 -3.07
CL CL I . -2.38 -12.54 25.84
CL CL J . 16.27 1.51 13.67
CL CL K . 21.28 -8.84 6.50
CL CL L . -19.36 13.96 5.40
CL CL M . 9.41 10.88 10.86
CL CL N . -3.86 10.45 -22.37
CL CL O . -16.25 -12.14 -3.41
#